data_5Y8F
#
_entry.id   5Y8F
#
_cell.length_a   37.860
_cell.length_b   68.017
_cell.length_c   54.941
_cell.angle_alpha   90.00
_cell.angle_beta   97.51
_cell.angle_gamma   90.00
#
_symmetry.space_group_name_H-M   'P 1 21 1'
#
loop_
_entity.id
_entity.type
_entity.pdbx_description
1 polymer 'Sefir domain protein'
2 water water
#
_entity_poly.entity_id   1
_entity_poly.type   'polypeptide(L)'
_entity_poly.pdbx_seq_one_letter_code
;SPHVFISYSWSSEDHKEWVLDLANKLMKESGVEVILDRWHGVVGHDRFEFMENSIKIADKVLVICDKDYCEKANTRRGGV
GTETMIITPNIYNNTKQEKFIPISLGEENGEYFLPDFFKSRFALGWNYEDIDKSYKELERLIWE
;
_entity_poly.pdbx_strand_id   A,B
#
# COMPACT_ATOMS: atom_id res chain seq x y z
N SER A 1 -7.61 19.56 -7.46
CA SER A 1 -6.82 19.10 -6.32
C SER A 1 -7.54 17.98 -5.58
N PRO A 2 -6.76 17.04 -5.04
CA PRO A 2 -7.34 15.96 -4.25
C PRO A 2 -8.02 16.46 -2.98
N HIS A 3 -9.19 15.89 -2.70
CA HIS A 3 -9.88 16.09 -1.43
C HIS A 3 -9.42 14.99 -0.48
N VAL A 4 -8.77 15.38 0.62
CA VAL A 4 -8.13 14.45 1.52
C VAL A 4 -8.83 14.54 2.88
N PHE A 5 -9.51 13.47 3.26
CA PHE A 5 -10.09 13.36 4.59
C PHE A 5 -9.08 12.71 5.53
N ILE A 6 -9.06 13.17 6.78
CA ILE A 6 -8.12 12.67 7.77
C ILE A 6 -8.89 11.90 8.83
N SER A 7 -8.66 10.60 8.90
CA SER A 7 -9.21 9.76 9.96
C SER A 7 -8.22 9.71 11.11
N TYR A 8 -8.65 10.22 12.27
CA TYR A 8 -7.78 10.23 13.44
C TYR A 8 -8.66 10.33 14.69
N SER A 9 -8.08 9.99 15.82
CA SER A 9 -8.74 10.06 17.12
C SER A 9 -8.12 11.17 17.97
N TRP A 10 -8.94 11.77 18.83
CA TRP A 10 -8.49 12.81 19.75
C TRP A 10 -7.79 12.17 20.96
N SER A 11 -6.68 11.49 20.68
CA SER A 11 -5.93 10.75 21.70
C SER A 11 -5.39 11.67 22.78
N SER A 12 -4.92 12.86 22.38
CA SER A 12 -4.36 13.82 23.31
C SER A 12 -4.38 15.18 22.62
N GLU A 13 -4.13 16.23 23.42
CA GLU A 13 -4.08 17.57 22.84
C GLU A 13 -2.88 17.72 21.91
N ASP A 14 -1.75 17.09 22.27
CA ASP A 14 -0.56 17.14 21.43
C ASP A 14 -0.80 16.41 20.12
N HIS A 15 -1.53 15.30 20.15
CA HIS A 15 -1.79 14.56 18.91
C HIS A 15 -2.76 15.32 18.02
N LYS A 16 -3.81 15.92 18.61
CA LYS A 16 -4.69 16.76 17.81
C LYS A 16 -3.93 17.91 17.17
N GLU A 17 -2.94 18.45 17.89
CA GLU A 17 -2.12 19.52 17.33
C GLU A 17 -1.25 19.01 16.20
N TRP A 18 -0.74 17.78 16.32
CA TRP A 18 0.06 17.21 15.25
C TRP A 18 -0.77 17.03 13.98
N VAL A 19 -2.02 16.56 14.13
CA VAL A 19 -2.89 16.39 12.97
C VAL A 19 -3.27 17.75 12.39
N LEU A 20 -3.54 18.73 13.26
CA LEU A 20 -3.86 20.07 12.77
C LEU A 20 -2.70 20.66 11.98
N ASP A 21 -1.47 20.49 12.47
CA ASP A 21 -0.31 20.99 11.75
C ASP A 21 -0.16 20.29 10.40
N LEU A 22 -0.37 18.98 10.37
CA LEU A 22 -0.27 18.26 9.10
C LEU A 22 -1.33 18.74 8.11
N ALA A 23 -2.56 18.96 8.58
CA ALA A 23 -3.61 19.45 7.71
C ALA A 23 -3.27 20.82 7.14
N ASN A 24 -2.81 21.73 7.98
CA ASN A 24 -2.42 23.06 7.52
C ASN A 24 -1.28 22.98 6.51
N LYS A 25 -0.31 22.09 6.76
CA LYS A 25 0.84 21.96 5.87
C LYS A 25 0.43 21.41 4.51
N LEU A 26 -0.44 20.40 4.50
CA LEU A 26 -0.91 19.82 3.25
C LEU A 26 -1.59 20.86 2.37
N MET A 27 -2.41 21.73 2.96
CA MET A 27 -3.07 22.76 2.16
C MET A 27 -2.07 23.80 1.66
N LYS A 28 -1.14 24.21 2.53
CA LYS A 28 -0.23 25.31 2.20
C LYS A 28 0.88 24.85 1.27
N GLU A 29 1.48 23.69 1.54
CA GLU A 29 2.66 23.26 0.81
C GLU A 29 2.34 22.31 -0.34
N SER A 30 1.19 21.63 -0.31
CA SER A 30 0.87 20.61 -1.30
C SER A 30 -0.41 20.88 -2.08
N GLY A 31 -1.09 22.01 -1.82
CA GLY A 31 -2.26 22.40 -2.60
C GLY A 31 -3.41 21.41 -2.61
N VAL A 32 -3.63 20.72 -1.50
CA VAL A 32 -4.71 19.74 -1.38
C VAL A 32 -5.82 20.33 -0.51
N GLU A 33 -7.04 19.87 -0.76
CA GLU A 33 -8.22 20.28 0.00
C GLU A 33 -8.47 19.28 1.12
N VAL A 34 -8.12 19.67 2.35
CA VAL A 34 -8.21 18.78 3.50
C VAL A 34 -9.58 18.90 4.14
N ILE A 35 -10.22 17.76 4.40
CA ILE A 35 -11.48 17.69 5.12
C ILE A 35 -11.14 17.38 6.57
N LEU A 36 -11.21 18.38 7.45
CA LEU A 36 -10.84 18.21 8.84
C LEU A 36 -12.04 18.47 9.74
N ASP A 37 -12.24 17.59 10.71
CA ASP A 37 -13.41 17.69 11.60
C ASP A 37 -13.46 19.03 12.31
N ARG A 38 -12.32 19.52 12.80
CA ARG A 38 -12.33 20.78 13.55
C ARG A 38 -12.66 21.97 12.67
N TRP A 39 -12.38 21.88 11.37
CA TRP A 39 -12.67 22.99 10.46
C TRP A 39 -14.11 22.99 9.97
N HIS A 40 -14.84 21.91 10.19
CA HIS A 40 -16.26 21.84 9.88
C HIS A 40 -17.13 22.00 11.12
N GLY A 41 -16.53 22.10 12.29
CA GLY A 41 -17.25 22.20 13.53
C GLY A 41 -18.07 20.97 13.83
N VAL A 42 -17.46 19.80 13.76
CA VAL A 42 -18.15 18.55 14.04
C VAL A 42 -17.91 18.24 15.52
N VAL A 43 -18.97 18.30 16.30
CA VAL A 43 -18.88 18.05 17.74
C VAL A 43 -18.90 16.54 17.98
N GLY A 44 -18.30 16.12 19.10
CA GLY A 44 -17.96 14.74 19.36
C GLY A 44 -18.88 13.64 18.89
N HIS A 45 -20.15 13.66 19.25
CA HIS A 45 -21.02 12.54 18.92
C HIS A 45 -21.54 12.58 17.48
N ASP A 46 -21.13 13.58 16.68
CA ASP A 46 -21.45 13.64 15.26
C ASP A 46 -20.29 13.21 14.39
N ARG A 47 -19.17 12.82 15.00
CA ARG A 47 -17.93 12.60 14.25
C ARG A 47 -18.00 11.37 13.34
N PHE A 48 -18.61 10.29 13.80
CA PHE A 48 -18.61 9.05 13.00
C PHE A 48 -19.37 9.25 11.69
N GLU A 49 -20.58 9.81 11.76
CA GLU A 49 -21.33 10.08 10.53
C GLU A 49 -20.58 11.07 9.65
N PHE A 50 -19.88 12.03 10.26
CA PHE A 50 -19.07 12.96 9.49
C PHE A 50 -17.97 12.22 8.73
N MET A 51 -17.34 11.25 9.38
CA MET A 51 -16.32 10.44 8.71
C MET A 51 -16.91 9.68 7.53
N GLU A 52 -18.07 9.06 7.73
CA GLU A 52 -18.70 8.29 6.65
C GLU A 52 -18.99 9.17 5.44
N ASN A 53 -19.61 10.34 5.66
CA ASN A 53 -19.93 11.22 4.54
C ASN A 53 -18.67 11.77 3.88
N SER A 54 -17.65 12.08 4.68
CA SER A 54 -16.44 12.68 4.09
C SER A 54 -15.67 11.68 3.25
N ILE A 55 -15.59 10.42 3.69
CA ILE A 55 -14.86 9.40 2.94
C ILE A 55 -15.48 9.21 1.57
N LYS A 56 -16.80 9.39 1.45
CA LYS A 56 -17.45 9.17 0.16
C LYS A 56 -17.09 10.25 -0.85
N ILE A 57 -16.86 11.49 -0.39
CA ILE A 57 -16.47 12.57 -1.29
C ILE A 57 -14.97 12.73 -1.39
N ALA A 58 -14.19 12.16 -0.49
CA ALA A 58 -12.75 12.35 -0.50
C ALA A 58 -12.08 11.48 -1.56
N ASP A 59 -11.00 12.01 -2.13
CA ASP A 59 -10.18 11.23 -3.05
C ASP A 59 -9.23 10.31 -2.30
N LYS A 60 -8.65 10.81 -1.21
CA LYS A 60 -7.76 10.01 -0.36
C LYS A 60 -8.22 10.13 1.09
N VAL A 61 -7.90 9.11 1.87
CA VAL A 61 -8.24 9.06 3.29
C VAL A 61 -6.96 8.73 4.06
N LEU A 62 -6.44 9.71 4.80
CA LEU A 62 -5.28 9.48 5.65
C LEU A 62 -5.74 8.81 6.94
N VAL A 63 -5.12 7.70 7.29
CA VAL A 63 -5.43 6.96 8.51
C VAL A 63 -4.27 7.16 9.47
N ILE A 64 -4.46 8.02 10.47
CA ILE A 64 -3.42 8.34 11.44
C ILE A 64 -3.32 7.22 12.48
N CYS A 65 -2.42 6.27 12.24
CA CYS A 65 -2.33 5.04 13.04
C CYS A 65 -1.24 5.16 14.09
N ASP A 66 -1.59 5.78 15.22
CA ASP A 66 -0.75 5.68 16.40
C ASP A 66 -1.25 4.52 17.26
N LYS A 67 -0.60 4.32 18.41
CA LYS A 67 -0.91 3.16 19.26
C LYS A 67 -2.36 3.16 19.71
N ASP A 68 -2.86 4.32 20.15
CA ASP A 68 -4.22 4.38 20.67
C ASP A 68 -5.25 4.12 19.59
N TYR A 69 -5.02 4.62 18.38
CA TYR A 69 -5.96 4.39 17.29
C TYR A 69 -6.02 2.92 16.92
N CYS A 70 -4.86 2.27 16.85
CA CYS A 70 -4.84 0.90 16.36
CA CYS A 70 -4.80 0.89 16.37
C CYS A 70 -5.36 -0.08 17.41
N GLU A 71 -5.16 0.21 18.70
CA GLU A 71 -5.66 -0.71 19.71
C GLU A 71 -7.17 -0.59 19.86
N LYS A 72 -7.73 0.62 19.76
CA LYS A 72 -9.18 0.75 19.76
C LYS A 72 -9.79 0.14 18.50
N ALA A 73 -9.13 0.30 17.36
CA ALA A 73 -9.66 -0.30 16.14
C ALA A 73 -9.62 -1.82 16.21
N ASN A 74 -8.51 -2.37 16.71
CA ASN A 74 -8.37 -3.82 16.77
C ASN A 74 -9.29 -4.44 17.81
N THR A 75 -9.58 -3.73 18.89
CA THR A 75 -10.38 -4.31 19.95
C THR A 75 -11.87 -4.12 19.70
N ARG A 76 -12.28 -2.94 19.23
CA ARG A 76 -13.69 -2.63 19.07
C ARG A 76 -14.20 -2.82 17.65
N ARG A 77 -13.33 -2.69 16.65
CA ARG A 77 -13.70 -2.91 15.25
C ARG A 77 -14.93 -2.10 14.86
N GLY A 78 -15.99 -2.77 14.40
CA GLY A 78 -17.19 -2.05 14.00
C GLY A 78 -17.97 -1.43 15.15
N GLY A 79 -17.59 -1.75 16.39
CA GLY A 79 -18.26 -1.23 17.57
C GLY A 79 -17.66 0.04 18.13
N VAL A 80 -16.76 0.69 17.39
CA VAL A 80 -16.24 1.98 17.83
C VAL A 80 -17.38 2.98 17.99
N GLY A 81 -17.23 3.89 18.94
CA GLY A 81 -18.31 4.78 19.29
C GLY A 81 -18.69 5.73 18.17
N THR A 82 -19.89 6.30 18.31
CA THR A 82 -20.34 7.32 17.38
C THR A 82 -19.45 8.57 17.47
N GLU A 83 -18.81 8.79 18.62
CA GLU A 83 -17.94 9.94 18.78
C GLU A 83 -16.60 9.79 18.07
N THR A 84 -16.29 8.63 17.51
CA THR A 84 -14.97 8.37 16.94
C THR A 84 -14.94 8.51 15.43
N MET A 85 -13.76 8.81 14.89
CA MET A 85 -13.53 8.79 13.45
C MET A 85 -12.50 7.70 13.16
N ILE A 86 -12.78 6.48 13.61
CA ILE A 86 -11.90 5.34 13.41
C ILE A 86 -12.53 4.43 12.38
N ILE A 87 -11.76 4.08 11.35
CA ILE A 87 -12.24 3.22 10.29
C ILE A 87 -12.58 1.84 10.85
N THR A 88 -13.71 1.30 10.42
CA THR A 88 -14.23 0.00 10.78
C THR A 88 -13.99 -1.01 9.67
N PRO A 89 -14.11 -2.31 9.95
CA PRO A 89 -14.04 -3.29 8.85
C PRO A 89 -15.01 -3.01 7.73
N ASN A 90 -16.25 -2.61 8.05
CA ASN A 90 -17.23 -2.30 7.03
C ASN A 90 -16.80 -1.12 6.17
N ILE A 91 -16.29 -0.06 6.81
CA ILE A 91 -15.86 1.12 6.07
C ILE A 91 -14.67 0.77 5.18
N TYR A 92 -13.71 0.01 5.70
CA TYR A 92 -12.56 -0.36 4.89
C TYR A 92 -13.00 -1.24 3.71
N ASN A 93 -13.95 -2.15 3.96
CA ASN A 93 -14.34 -3.10 2.92
C ASN A 93 -15.35 -2.53 1.93
N ASN A 94 -16.06 -1.46 2.29
CA ASN A 94 -17.05 -0.86 1.40
C ASN A 94 -16.56 0.43 0.76
N THR A 95 -15.28 0.75 0.91
CA THR A 95 -14.67 1.93 0.31
C THR A 95 -13.66 1.45 -0.71
N LYS A 96 -13.55 2.19 -1.82
CA LYS A 96 -12.50 1.90 -2.78
C LYS A 96 -11.16 1.92 -2.08
N GLN A 97 -10.41 0.81 -2.20
CA GLN A 97 -9.27 0.59 -1.33
C GLN A 97 -8.14 1.59 -1.57
N GLU A 98 -8.01 2.09 -2.80
CA GLU A 98 -6.91 3.02 -3.10
C GLU A 98 -7.04 4.34 -2.36
N LYS A 99 -8.20 4.62 -1.77
CA LYS A 99 -8.35 5.87 -1.02
C LYS A 99 -7.48 5.89 0.22
N PHE A 100 -7.31 4.74 0.87
CA PHE A 100 -6.67 4.70 2.17
C PHE A 100 -5.17 4.90 2.06
N ILE A 101 -4.65 5.85 2.86
CA ILE A 101 -3.22 6.08 3.03
C ILE A 101 -2.91 5.98 4.51
N PRO A 102 -2.64 4.80 5.04
CA PRO A 102 -2.34 4.68 6.47
C PRO A 102 -0.97 5.26 6.79
N ILE A 103 -0.91 6.02 7.88
CA ILE A 103 0.33 6.60 8.38
C ILE A 103 0.58 6.02 9.77
N SER A 104 1.64 5.25 9.91
CA SER A 104 1.98 4.61 11.18
C SER A 104 2.79 5.59 12.02
N LEU A 105 2.33 5.88 13.23
CA LEU A 105 3.01 6.79 14.14
C LEU A 105 3.54 6.04 15.35
N GLY A 106 4.83 6.21 15.61
CA GLY A 106 5.40 5.72 16.85
C GLY A 106 5.73 4.25 16.87
N GLU A 107 5.61 3.56 15.73
CA GLU A 107 5.96 2.16 15.71
C GLU A 107 7.48 2.02 15.82
N GLU A 108 7.92 0.86 16.28
CA GLU A 108 9.34 0.61 16.44
C GLU A 108 9.75 -0.60 15.61
N ASN A 109 11.02 -0.62 15.20
CA ASN A 109 11.62 -1.77 14.54
C ASN A 109 10.92 -2.11 13.22
N GLY A 110 10.27 -1.12 12.61
CA GLY A 110 9.51 -1.36 11.41
C GLY A 110 8.26 -2.19 11.60
N GLU A 111 7.79 -2.33 12.83
CA GLU A 111 6.54 -3.03 13.11
C GLU A 111 5.39 -2.03 13.07
N TYR A 112 5.08 -1.61 11.85
CA TYR A 112 4.18 -0.48 11.63
C TYR A 112 2.78 -0.75 12.18
N PHE A 113 2.26 0.22 12.93
CA PHE A 113 0.90 0.16 13.44
C PHE A 113 -0.10 0.20 12.28
N LEU A 114 -1.08 -0.70 12.33
CA LEU A 114 -2.10 -0.80 11.31
C LEU A 114 -3.19 -1.75 11.79
N PRO A 115 -4.45 -1.33 11.81
CA PRO A 115 -5.52 -2.24 12.24
C PRO A 115 -5.49 -3.53 11.44
N ASP A 116 -5.70 -4.66 12.14
CA ASP A 116 -5.49 -5.96 11.53
C ASP A 116 -6.47 -6.24 10.40
N PHE A 117 -7.63 -5.59 10.38
CA PHE A 117 -8.59 -5.86 9.33
C PHE A 117 -8.31 -5.08 8.05
N PHE A 118 -7.29 -4.24 8.02
CA PHE A 118 -6.85 -3.63 6.77
C PHE A 118 -6.22 -4.73 5.91
N LYS A 119 -6.91 -5.12 4.83
CA LYS A 119 -6.44 -6.25 4.04
C LYS A 119 -5.11 -5.98 3.36
N SER A 120 -4.92 -4.77 2.85
CA SER A 120 -3.60 -4.37 2.38
C SER A 120 -2.80 -3.87 3.57
N ARG A 121 -1.58 -4.37 3.70
CA ARG A 121 -0.74 -4.07 4.86
C ARG A 121 0.16 -2.86 4.66
N PHE A 122 0.00 -2.13 3.56
CA PHE A 122 0.84 -0.97 3.31
C PHE A 122 0.53 0.15 4.29
N ALA A 123 1.59 0.85 4.70
CA ALA A 123 1.45 2.01 5.57
C ALA A 123 2.70 2.87 5.41
N LEU A 124 2.50 4.18 5.50
CA LEU A 124 3.62 5.12 5.50
C LEU A 124 4.21 5.17 6.90
N GLY A 125 5.39 4.59 7.07
CA GLY A 125 6.08 4.68 8.35
C GLY A 125 6.62 6.07 8.58
N TRP A 126 5.96 6.86 9.42
CA TRP A 126 6.37 8.24 9.65
C TRP A 126 7.73 8.29 10.34
N ASN A 127 8.70 8.93 9.70
CA ASN A 127 10.06 9.00 10.20
C ASN A 127 10.25 10.34 10.92
N TYR A 128 10.22 10.30 12.25
CA TYR A 128 10.42 11.53 13.03
C TYR A 128 11.81 12.10 12.87
N GLU A 129 12.76 11.31 12.35
CA GLU A 129 14.11 11.80 12.11
C GLU A 129 14.31 12.32 10.69
N ASP A 130 13.32 12.18 9.81
CA ASP A 130 13.39 12.72 8.45
C ASP A 130 11.98 13.03 7.99
N ILE A 131 11.41 14.08 8.56
CA ILE A 131 10.05 14.50 8.24
C ILE A 131 9.92 14.82 6.76
N ASP A 132 10.91 15.52 6.22
CA ASP A 132 10.84 15.94 4.82
C ASP A 132 10.72 14.74 3.89
N LYS A 133 11.42 13.65 4.20
CA LYS A 133 11.30 12.43 3.41
C LYS A 133 9.92 11.81 3.57
N SER A 134 9.41 11.75 4.81
CA SER A 134 8.08 11.19 5.05
C SER A 134 7.00 12.07 4.42
N TYR A 135 7.15 13.40 4.52
CA TYR A 135 6.15 14.27 3.90
C TYR A 135 6.23 14.21 2.38
N LYS A 136 7.44 14.06 1.85
CA LYS A 136 7.61 13.86 0.41
C LYS A 136 6.82 12.65 -0.07
N GLU A 137 6.92 11.54 0.65
CA GLU A 137 6.23 10.31 0.25
C GLU A 137 4.73 10.42 0.46
N LEU A 138 4.30 11.09 1.53
CA LEU A 138 2.87 11.33 1.72
C LEU A 138 2.30 12.15 0.57
N GLU A 139 3.01 13.19 0.15
CA GLU A 139 2.58 14.00 -0.98
C GLU A 139 2.44 13.13 -2.23
N ARG A 140 3.39 12.22 -2.45
CA ARG A 140 3.33 11.35 -3.62
C ARG A 140 2.15 10.39 -3.54
N LEU A 141 1.90 9.82 -2.35
CA LEU A 141 0.79 8.90 -2.20
C LEU A 141 -0.55 9.60 -2.44
N ILE A 142 -0.62 10.90 -2.16
CA ILE A 142 -1.85 11.66 -2.37
C ILE A 142 -2.00 12.03 -3.84
N TRP A 143 -0.93 12.52 -4.46
CA TRP A 143 -0.99 13.16 -5.77
C TRP A 143 -0.81 12.17 -6.92
N GLU A 144 0.24 11.35 -6.87
CA GLU A 144 0.69 10.59 -8.03
C GLU A 144 -0.37 9.69 -8.64
N SER B 1 -0.48 -21.27 4.96
CA SER B 1 0.63 -20.53 4.36
C SER B 1 0.10 -19.52 3.35
N PRO B 2 0.73 -18.35 3.29
CA PRO B 2 0.40 -17.40 2.21
C PRO B 2 0.82 -17.98 0.87
N HIS B 3 -0.09 -17.92 -0.10
CA HIS B 3 0.23 -18.30 -1.48
C HIS B 3 0.63 -17.03 -2.23
N VAL B 4 1.90 -16.93 -2.60
CA VAL B 4 2.46 -15.71 -3.18
C VAL B 4 2.94 -15.98 -4.59
N PHE B 5 2.28 -15.36 -5.56
CA PHE B 5 2.74 -15.36 -6.93
C PHE B 5 3.65 -14.16 -7.18
N ILE B 6 4.70 -14.35 -7.98
CA ILE B 6 5.66 -13.31 -8.28
C ILE B 6 5.52 -12.94 -9.75
N SER B 7 5.03 -11.72 -10.00
CA SER B 7 4.96 -11.17 -11.35
C SER B 7 6.23 -10.37 -11.61
N TYR B 8 6.97 -10.74 -12.66
CA TYR B 8 8.22 -10.08 -12.95
C TYR B 8 8.54 -10.25 -14.44
N SER B 9 9.45 -9.40 -14.91
CA SER B 9 9.88 -9.40 -16.30
C SER B 9 11.29 -9.98 -16.39
N TRP B 10 11.55 -10.74 -17.46
CA TRP B 10 12.87 -11.31 -17.68
C TRP B 10 13.79 -10.26 -18.29
N SER B 11 14.05 -9.22 -17.50
CA SER B 11 14.87 -8.10 -17.97
C SER B 11 16.27 -8.56 -18.33
N SER B 12 16.85 -9.46 -17.54
CA SER B 12 18.19 -9.95 -17.77
C SER B 12 18.37 -11.25 -17.00
N GLU B 13 19.50 -11.93 -17.25
CA GLU B 13 19.81 -13.13 -16.49
C GLU B 13 20.06 -12.83 -15.02
N ASP B 14 20.73 -11.72 -14.74
CA ASP B 14 20.97 -11.35 -13.35
C ASP B 14 19.67 -11.02 -12.64
N HIS B 15 18.73 -10.38 -13.34
CA HIS B 15 17.44 -10.07 -12.72
C HIS B 15 16.63 -11.33 -12.49
N LYS B 16 16.65 -12.26 -13.45
CA LYS B 16 16.01 -13.54 -13.24
C LYS B 16 16.61 -14.25 -12.03
N GLU B 17 17.92 -14.06 -11.82
CA GLU B 17 18.56 -14.67 -10.67
C GLU B 17 18.14 -14.00 -9.36
N TRP B 18 17.97 -12.67 -9.40
CA TRP B 18 17.52 -11.95 -8.21
C TRP B 18 16.11 -12.38 -7.80
N VAL B 19 15.24 -12.56 -8.79
CA VAL B 19 13.88 -13.00 -8.49
C VAL B 19 13.89 -14.44 -8.00
N LEU B 20 14.71 -15.29 -8.61
CA LEU B 20 14.80 -16.67 -8.17
C LEU B 20 15.33 -16.77 -6.74
N ASP B 21 16.35 -15.97 -6.42
CA ASP B 21 16.88 -15.96 -5.06
C ASP B 21 15.82 -15.50 -4.08
N LEU B 22 15.04 -14.50 -4.45
CA LEU B 22 13.97 -14.03 -3.57
C LEU B 22 12.93 -15.12 -3.34
N ALA B 23 12.56 -15.84 -4.40
CA ALA B 23 11.59 -16.93 -4.26
C ALA B 23 12.10 -18.02 -3.33
N ASN B 24 13.35 -18.46 -3.54
CA ASN B 24 13.93 -19.48 -2.67
C ASN B 24 14.01 -19.01 -1.23
N LYS B 25 14.36 -17.74 -1.02
CA LYS B 25 14.46 -17.22 0.34
C LYS B 25 13.08 -17.16 1.00
N LEU B 26 12.07 -16.67 0.27
CA LEU B 26 10.73 -16.63 0.82
C LEU B 26 10.25 -18.02 1.22
N MET B 27 10.54 -19.02 0.38
CA MET B 27 10.13 -20.39 0.68
C MET B 27 10.90 -20.94 1.89
N LYS B 28 12.21 -20.68 1.95
CA LYS B 28 13.03 -21.28 2.99
C LYS B 28 12.86 -20.59 4.35
N GLU B 29 12.95 -19.26 4.38
CA GLU B 29 13.04 -18.52 5.63
C GLU B 29 11.73 -17.95 6.13
N SER B 30 10.71 -17.85 5.27
CA SER B 30 9.48 -17.18 5.66
C SER B 30 8.26 -18.09 5.61
N GLY B 31 8.43 -19.37 5.30
CA GLY B 31 7.31 -20.30 5.27
C GLY B 31 6.25 -19.90 4.27
N VAL B 32 6.65 -19.32 3.14
CA VAL B 32 5.74 -18.88 2.11
C VAL B 32 5.81 -19.88 0.96
N GLU B 33 4.67 -20.14 0.33
CA GLU B 33 4.61 -21.04 -0.82
C GLU B 33 4.56 -20.17 -2.08
N VAL B 34 5.68 -20.08 -2.77
CA VAL B 34 5.85 -19.17 -3.90
C VAL B 34 5.39 -19.84 -5.18
N ILE B 35 4.56 -19.15 -5.95
CA ILE B 35 4.15 -19.58 -7.28
C ILE B 35 5.07 -18.87 -8.27
N LEU B 36 6.05 -19.59 -8.81
CA LEU B 36 7.04 -19.01 -9.71
C LEU B 36 7.03 -19.74 -11.05
N ASP B 37 7.10 -18.96 -12.12
CA ASP B 37 7.07 -19.53 -13.48
C ASP B 37 8.19 -20.55 -13.66
N ARG B 38 9.36 -20.27 -13.10
CA ARG B 38 10.50 -21.16 -13.29
C ARG B 38 10.28 -22.51 -12.61
N TRP B 39 9.50 -22.55 -11.54
CA TRP B 39 9.23 -23.77 -10.81
C TRP B 39 8.06 -24.56 -11.36
N HIS B 40 7.29 -24.00 -12.30
CA HIS B 40 6.20 -24.69 -12.92
C HIS B 40 6.49 -25.16 -14.34
N GLY B 41 7.66 -24.82 -14.89
CA GLY B 41 7.98 -25.21 -16.26
C GLY B 41 7.05 -24.59 -17.28
N VAL B 42 6.96 -23.27 -17.27
CA VAL B 42 6.03 -22.53 -18.12
C VAL B 42 6.70 -22.17 -19.45
N VAL B 43 6.14 -22.64 -20.55
CA VAL B 43 6.66 -22.39 -21.88
C VAL B 43 6.21 -21.01 -22.33
N GLY B 44 7.00 -20.40 -23.21
CA GLY B 44 6.79 -19.06 -23.70
C GLY B 44 5.36 -18.64 -23.96
N HIS B 45 4.60 -19.42 -24.73
CA HIS B 45 3.26 -18.96 -25.09
C HIS B 45 2.22 -19.26 -24.02
N ASP B 46 2.60 -19.86 -22.89
CA ASP B 46 1.67 -20.16 -21.80
C ASP B 46 1.78 -19.16 -20.66
N ARG B 47 2.60 -18.14 -20.86
CA ARG B 47 2.96 -17.19 -19.82
C ARG B 47 1.79 -16.30 -19.38
N PHE B 48 1.02 -15.79 -20.33
CA PHE B 48 -0.10 -14.95 -19.95
C PHE B 48 -1.13 -15.74 -19.16
N GLU B 49 -1.46 -16.93 -19.66
CA GLU B 49 -2.41 -17.80 -18.97
C GLU B 49 -1.90 -18.20 -17.59
N PHE B 50 -0.61 -18.48 -17.48
CA PHE B 50 -0.06 -18.84 -16.16
C PHE B 50 -0.14 -17.66 -15.20
N MET B 51 0.21 -16.46 -15.67
CA MET B 51 0.09 -15.28 -14.82
C MET B 51 -1.36 -15.02 -14.43
N GLU B 52 -2.27 -15.11 -15.41
CA GLU B 52 -3.68 -14.85 -15.14
C GLU B 52 -4.24 -15.83 -14.11
N ASN B 53 -4.02 -17.13 -14.32
CA ASN B 53 -4.55 -18.13 -13.40
C ASN B 53 -3.86 -18.06 -12.04
N SER B 54 -2.57 -17.76 -12.02
CA SER B 54 -1.83 -17.76 -10.76
C SER B 54 -2.29 -16.62 -9.86
N ILE B 55 -2.59 -15.46 -10.44
CA ILE B 55 -3.05 -14.34 -9.65
C ILE B 55 -4.37 -14.66 -8.96
N LYS B 56 -5.25 -15.44 -9.59
CA LYS B 56 -6.53 -15.75 -8.96
C LYS B 56 -6.37 -16.71 -7.78
N ILE B 57 -5.38 -17.59 -7.82
CA ILE B 57 -5.21 -18.54 -6.73
C ILE B 57 -4.26 -18.02 -5.65
N ALA B 58 -3.48 -16.98 -5.95
CA ALA B 58 -2.51 -16.47 -4.97
C ALA B 58 -3.21 -15.58 -3.95
N ASP B 59 -2.67 -15.60 -2.72
CA ASP B 59 -3.13 -14.67 -1.70
C ASP B 59 -2.50 -13.29 -1.89
N LYS B 60 -1.21 -13.26 -2.22
CA LYS B 60 -0.49 -12.03 -2.48
C LYS B 60 0.20 -12.14 -3.83
N VAL B 61 0.43 -10.98 -4.46
CA VAL B 61 1.08 -10.90 -5.76
C VAL B 61 2.20 -9.88 -5.66
N LEU B 62 3.45 -10.35 -5.69
CA LEU B 62 4.59 -9.44 -5.73
C LEU B 62 4.76 -8.93 -7.15
N VAL B 63 4.77 -7.61 -7.31
CA VAL B 63 4.96 -6.97 -8.60
C VAL B 63 6.38 -6.41 -8.58
N ILE B 64 7.30 -7.11 -9.24
CA ILE B 64 8.71 -6.73 -9.25
C ILE B 64 8.90 -5.56 -10.21
N CYS B 65 8.84 -4.33 -9.68
CA CYS B 65 8.84 -3.14 -10.51
C CYS B 65 10.27 -2.60 -10.62
N ASP B 66 11.02 -3.20 -11.53
CA ASP B 66 12.24 -2.55 -11.94
C ASP B 66 11.91 -1.65 -13.12
N LYS B 67 12.93 -0.96 -13.63
CA LYS B 67 12.68 0.04 -14.65
C LYS B 67 12.05 -0.60 -15.88
N ASP B 68 12.53 -1.77 -16.29
CA ASP B 68 12.04 -2.45 -17.48
C ASP B 68 10.59 -2.92 -17.32
N TYR B 69 10.24 -3.43 -16.13
CA TYR B 69 8.86 -3.87 -15.91
C TYR B 69 7.90 -2.71 -15.99
N CYS B 70 8.24 -1.59 -15.33
CA CYS B 70 7.31 -0.45 -15.26
CA CYS B 70 7.31 -0.45 -15.26
C CYS B 70 7.07 0.20 -16.63
N GLU B 71 8.14 0.57 -17.38
CA GLU B 71 7.83 1.02 -18.76
C GLU B 71 7.41 -0.08 -19.75
N LYS B 72 7.60 -1.38 -19.49
CA LYS B 72 6.85 -2.30 -20.35
C LYS B 72 5.37 -2.30 -20.00
N ALA B 73 5.05 -2.18 -18.71
CA ALA B 73 3.65 -2.14 -18.26
C ALA B 73 2.94 -0.88 -18.75
N ASN B 74 3.63 0.26 -18.73
CA ASN B 74 2.98 1.51 -19.09
C ASN B 74 2.68 1.61 -20.60
N THR B 75 3.55 1.06 -21.43
CA THR B 75 3.38 1.22 -22.88
C THR B 75 2.61 0.08 -23.55
N ARG B 76 2.87 -1.16 -23.16
CA ARG B 76 2.24 -2.36 -23.72
C ARG B 76 2.40 -2.46 -25.25
N ARG B 77 3.59 -2.08 -25.72
CA ARG B 77 4.26 -2.66 -26.90
C ARG B 77 3.50 -3.80 -27.57
N GLY B 78 2.56 -3.43 -28.43
CA GLY B 78 1.77 -4.38 -29.18
C GLY B 78 0.57 -4.95 -28.46
N GLY B 79 0.40 -4.64 -27.19
CA GLY B 79 -0.70 -5.17 -26.42
C GLY B 79 -0.46 -6.60 -25.96
N VAL B 80 -1.48 -7.14 -25.28
CA VAL B 80 -1.43 -8.53 -24.84
C VAL B 80 -1.31 -9.48 -26.03
N GLY B 81 -0.58 -10.60 -25.80
CA GLY B 81 -0.26 -11.53 -26.87
C GLY B 81 0.39 -12.84 -26.43
N THR B 82 -0.03 -13.39 -25.27
CA THR B 82 0.29 -14.70 -24.69
C THR B 82 1.70 -14.83 -24.07
N GLU B 83 2.59 -14.03 -24.61
CA GLU B 83 3.97 -13.87 -24.20
C GLU B 83 4.15 -13.20 -22.86
N THR B 84 3.08 -12.70 -22.27
CA THR B 84 3.22 -11.36 -21.72
C THR B 84 4.00 -11.27 -20.43
N MET B 85 3.49 -11.86 -19.34
CA MET B 85 4.06 -11.90 -17.99
C MET B 85 3.88 -10.60 -17.22
N ILE B 86 3.42 -9.51 -17.82
CA ILE B 86 3.33 -8.23 -17.16
C ILE B 86 1.86 -7.91 -16.92
N ILE B 87 1.55 -7.53 -15.68
CA ILE B 87 0.17 -7.28 -15.30
C ILE B 87 -0.38 -6.17 -16.16
N THR B 88 -1.58 -6.36 -16.65
CA THR B 88 -2.27 -5.41 -17.48
C THR B 88 -3.30 -4.65 -16.66
N PRO B 89 -3.77 -3.50 -17.16
CA PRO B 89 -4.87 -2.82 -16.46
C PRO B 89 -6.09 -3.71 -16.25
N ASN B 90 -6.44 -4.54 -17.24
CA ASN B 90 -7.59 -5.41 -17.11
C ASN B 90 -7.41 -6.41 -15.96
N ILE B 91 -6.23 -7.04 -15.87
CA ILE B 91 -5.98 -7.97 -14.79
C ILE B 91 -6.00 -7.25 -13.45
N TYR B 92 -5.39 -6.06 -13.38
CA TYR B 92 -5.38 -5.29 -12.15
C TYR B 92 -6.80 -4.92 -11.70
N ASN B 93 -7.67 -4.55 -12.64
CA ASN B 93 -8.99 -4.09 -12.28
C ASN B 93 -9.97 -5.22 -11.99
N ASN B 94 -9.60 -6.46 -12.34
CA ASN B 94 -10.42 -7.62 -12.04
C ASN B 94 -9.83 -8.44 -10.88
N THR B 95 -8.84 -7.89 -10.18
CA THR B 95 -8.22 -8.53 -9.04
C THR B 95 -8.45 -7.70 -7.78
N LYS B 96 -8.65 -8.39 -6.66
CA LYS B 96 -8.70 -7.75 -5.35
C LYS B 96 -7.42 -6.96 -5.11
N GLN B 97 -7.57 -5.67 -4.78
CA GLN B 97 -6.43 -4.76 -4.79
C GLN B 97 -5.40 -5.11 -3.70
N GLU B 98 -5.84 -5.68 -2.58
CA GLU B 98 -4.93 -5.99 -1.48
C GLU B 98 -3.94 -7.10 -1.82
N LYS B 99 -4.14 -7.85 -2.90
CA LYS B 99 -3.18 -8.89 -3.26
C LYS B 99 -1.84 -8.30 -3.66
N PHE B 100 -1.84 -7.16 -4.34
CA PHE B 100 -0.64 -6.64 -4.97
C PHE B 100 0.32 -6.05 -3.96
N ILE B 101 1.58 -6.48 -4.03
CA ILE B 101 2.68 -5.92 -3.25
C ILE B 101 3.74 -5.43 -4.22
N PRO B 102 3.65 -4.20 -4.70
CA PRO B 102 4.67 -3.70 -5.63
C PRO B 102 5.98 -3.48 -4.90
N ILE B 103 7.07 -3.93 -5.53
CA ILE B 103 8.42 -3.74 -5.02
C ILE B 103 9.19 -2.95 -6.05
N SER B 104 9.61 -1.73 -5.68
CA SER B 104 10.34 -0.85 -6.57
C SER B 104 11.83 -1.14 -6.49
N LEU B 105 12.46 -1.39 -7.65
CA LEU B 105 13.88 -1.69 -7.75
C LEU B 105 14.60 -0.57 -8.50
N GLY B 106 15.62 0.00 -7.88
CA GLY B 106 16.55 0.89 -8.56
C GLY B 106 16.13 2.33 -8.71
N GLU B 107 15.04 2.75 -8.09
CA GLU B 107 14.61 4.15 -8.14
C GLU B 107 15.50 5.05 -7.29
N GLU B 108 15.46 6.35 -7.58
CA GLU B 108 16.18 7.38 -6.86
C GLU B 108 15.21 8.38 -6.24
N ASN B 109 15.64 9.01 -5.15
CA ASN B 109 14.87 10.07 -4.48
C ASN B 109 13.51 9.59 -4.00
N GLY B 110 13.36 8.29 -3.75
CA GLY B 110 12.07 7.80 -3.31
C GLY B 110 10.98 7.88 -4.34
N GLU B 111 11.34 8.03 -5.62
CA GLU B 111 10.37 8.03 -6.71
C GLU B 111 10.17 6.59 -7.18
N TYR B 112 9.45 5.84 -6.35
CA TYR B 112 9.33 4.41 -6.52
C TYR B 112 8.70 4.06 -7.86
N PHE B 113 9.31 3.09 -8.54
CA PHE B 113 8.76 2.58 -9.79
C PHE B 113 7.40 1.92 -9.54
N LEU B 114 6.44 2.25 -10.39
CA LEU B 114 5.09 1.68 -10.28
C LEU B 114 4.29 2.02 -11.52
N PRO B 115 3.72 1.01 -12.20
CA PRO B 115 2.89 1.27 -13.38
C PRO B 115 1.79 2.29 -13.10
N ASP B 116 1.50 3.12 -14.11
CA ASP B 116 0.62 4.26 -13.92
C ASP B 116 -0.81 3.86 -13.56
N PHE B 117 -1.25 2.67 -13.96
CA PHE B 117 -2.63 2.28 -13.70
C PHE B 117 -2.86 1.71 -12.31
N PHE B 118 -1.83 1.58 -11.49
CA PHE B 118 -2.01 1.24 -10.08
C PHE B 118 -2.64 2.41 -9.35
N LYS B 119 -3.89 2.22 -8.90
CA LYS B 119 -4.62 3.32 -8.26
C LYS B 119 -4.00 3.71 -6.92
N SER B 120 -3.62 2.72 -6.10
CA SER B 120 -2.85 2.99 -4.90
C SER B 120 -1.37 3.09 -5.25
N ARG B 121 -0.70 4.13 -4.77
CA ARG B 121 0.67 4.38 -5.17
C ARG B 121 1.70 3.78 -4.21
N PHE B 122 1.25 2.94 -3.27
CA PHE B 122 2.17 2.30 -2.34
C PHE B 122 3.09 1.32 -3.06
N ALA B 123 4.34 1.26 -2.60
CA ALA B 123 5.30 0.30 -3.11
C ALA B 123 6.38 0.12 -2.06
N LEU B 124 6.91 -1.10 -1.99
CA LEU B 124 8.05 -1.38 -1.12
C LEU B 124 9.32 -0.91 -1.83
N GLY B 125 9.89 0.19 -1.35
CA GLY B 125 11.14 0.67 -1.89
C GLY B 125 12.30 -0.20 -1.46
N TRP B 126 12.77 -1.07 -2.36
CA TRP B 126 13.82 -2.02 -2.02
C TRP B 126 15.12 -1.29 -1.70
N ASN B 127 15.65 -1.51 -0.51
CA ASN B 127 16.86 -0.84 -0.04
C ASN B 127 18.04 -1.79 -0.25
N TYR B 128 18.80 -1.56 -1.31
CA TYR B 128 19.96 -2.39 -1.61
C TYR B 128 21.06 -2.25 -0.57
N GLU B 129 21.04 -1.19 0.22
CA GLU B 129 21.99 -1.02 1.31
C GLU B 129 21.47 -1.52 2.65
N ASP B 130 20.21 -1.99 2.71
CA ASP B 130 19.62 -2.55 3.92
C ASP B 130 18.60 -3.62 3.51
N ILE B 131 19.12 -4.73 2.98
CA ILE B 131 18.26 -5.81 2.47
C ILE B 131 17.39 -6.40 3.57
N ASP B 132 17.99 -6.64 4.75
CA ASP B 132 17.24 -7.27 5.84
C ASP B 132 16.05 -6.41 6.26
N LYS B 133 16.19 -5.09 6.23
CA LYS B 133 15.07 -4.23 6.56
C LYS B 133 13.97 -4.33 5.51
N SER B 134 14.34 -4.29 4.24
CA SER B 134 13.35 -4.39 3.17
C SER B 134 12.69 -5.77 3.16
N TYR B 135 13.47 -6.82 3.44
CA TYR B 135 12.87 -8.16 3.44
C TYR B 135 11.92 -8.32 4.61
N LYS B 136 12.25 -7.75 5.77
CA LYS B 136 11.35 -7.77 6.90
C LYS B 136 10.00 -7.15 6.56
N GLU B 137 10.03 -6.01 5.87
CA GLU B 137 8.78 -5.36 5.51
C GLU B 137 8.01 -6.19 4.48
N LEU B 138 8.72 -6.82 3.55
CA LEU B 138 8.07 -7.71 2.61
C LEU B 138 7.36 -8.85 3.33
N GLU B 139 8.00 -9.44 4.35
CA GLU B 139 7.34 -10.48 5.13
C GLU B 139 6.07 -9.95 5.80
N ARG B 140 6.13 -8.73 6.32
CA ARG B 140 4.93 -8.15 6.95
C ARG B 140 3.83 -7.92 5.93
N LEU B 141 4.19 -7.41 4.75
CA LEU B 141 3.18 -7.17 3.72
C LEU B 141 2.56 -8.47 3.23
N ILE B 142 3.31 -9.58 3.28
CA ILE B 142 2.79 -10.87 2.84
C ILE B 142 1.94 -11.52 3.94
N TRP B 143 2.45 -11.57 5.17
CA TRP B 143 1.88 -12.39 6.22
C TRP B 143 0.78 -11.69 7.00
N GLU B 144 1.08 -10.51 7.51
CA GLU B 144 0.27 -9.85 8.53
C GLU B 144 -1.18 -9.68 8.09
#